data_5F5T
#
_entry.id   5F5T
#
_cell.length_a   195.550
_cell.length_b   52.150
_cell.length_c   104.600
_cell.angle_alpha   90.000
_cell.angle_beta   102.510
_cell.angle_gamma   90.000
#
_symmetry.space_group_name_H-M   'C 1 2 1'
#
loop_
_entity.id
_entity.type
_entity.pdbx_description
1 polymer 'Putative uncharacterized protein'
2 polymer 'Putative uncharacterized protein'
3 water water
#
loop_
_entity_poly.entity_id
_entity_poly.type
_entity_poly.pdbx_seq_one_letter_code
_entity_poly.pdbx_strand_id
1 'polypeptide(L)'
;GAMGSKPDTHRADERRFLDERGSSGPLAPNGLNPATIMEKAVRERIVESYFWKEQCFGVNEADIVDRVVEHVRFVGGVTG
VTQKPSPFLCLAFKLLQLAPGDDILKEYLYFGGEKFKYLRALAAFYIRLTRPDKEVYTLLEPFLEDRRKLRRKGKNGTSL
TYMDEFIDDLLTKDRVCSTSLWKMRRRDILEDLDLLEPRVSPLGSLEDILEEEEQAAKNEDGE
;
A,B
2 'polypeptide(L)'
;GAMGTTDDVDPEAEYAAWKLRELRRLRRERDAIEARERELAELERRRNLTEEERRAEDEAHLAKQKAEKESRGKMGYLQK
YFHR
;
C,D
#
# COMPACT_ATOMS: atom_id res chain seq x y z
N PRO A 7 31.84 -32.38 -32.09
CA PRO A 7 30.45 -32.82 -32.16
C PRO A 7 29.50 -31.84 -31.50
N ASP A 8 29.51 -30.59 -31.94
CA ASP A 8 28.71 -29.57 -31.26
C ASP A 8 27.90 -28.70 -32.22
N THR A 9 26.70 -29.18 -32.53
CA THR A 9 25.80 -28.45 -33.41
C THR A 9 25.21 -27.24 -32.68
N HIS A 10 25.17 -27.33 -31.35
CA HIS A 10 24.57 -26.29 -30.51
C HIS A 10 25.25 -24.94 -30.70
N ARG A 11 26.58 -24.97 -30.66
CA ARG A 11 27.38 -23.78 -30.81
C ARG A 11 27.17 -23.17 -32.18
N ALA A 12 27.08 -24.02 -33.19
CA ALA A 12 26.82 -23.58 -34.56
C ALA A 12 25.46 -22.88 -34.67
N ASP A 13 24.44 -23.48 -34.07
CA ASP A 13 23.10 -22.90 -34.09
C ASP A 13 23.04 -21.55 -33.36
N GLU A 14 23.69 -21.50 -32.20
CA GLU A 14 23.72 -20.27 -31.41
C GLU A 14 24.44 -19.18 -32.18
N ARG A 15 25.58 -19.55 -32.77
CA ARG A 15 26.41 -18.63 -33.53
C ARG A 15 25.62 -18.08 -34.71
N ARG A 16 24.86 -18.97 -35.34
CA ARG A 16 24.01 -18.58 -36.46
C ARG A 16 22.95 -17.58 -36.01
N PHE A 17 22.34 -17.84 -34.86
CA PHE A 17 21.29 -16.96 -34.36
C PHE A 17 21.85 -15.57 -34.00
N LEU A 18 22.97 -15.57 -33.28
CA LEU A 18 23.59 -14.34 -32.79
C LEU A 18 24.20 -13.46 -33.88
N ASP A 19 24.88 -14.09 -34.83
CA ASP A 19 25.71 -13.35 -35.79
C ASP A 19 24.87 -12.64 -36.87
N GLU A 20 23.72 -13.22 -37.18
CA GLU A 20 22.69 -12.64 -38.07
C GLU A 20 21.38 -13.37 -38.00
N ARG A 21 20.28 -12.62 -38.03
CA ARG A 21 18.93 -13.20 -38.10
C ARG A 21 17.98 -12.30 -38.87
N GLY A 22 16.76 -12.80 -39.07
CA GLY A 22 15.73 -12.10 -39.81
C GLY A 22 15.80 -12.45 -41.28
N SER A 23 17.01 -12.73 -41.77
CA SER A 23 17.18 -13.25 -43.12
C SER A 23 16.62 -14.65 -43.14
N SER A 24 16.97 -15.43 -42.12
CA SER A 24 16.47 -16.79 -41.99
C SER A 24 15.77 -16.96 -40.64
N GLY A 25 15.11 -15.90 -40.19
CA GLY A 25 14.42 -15.91 -38.92
C GLY A 25 12.92 -15.70 -39.00
N PRO A 26 12.15 -16.61 -38.40
CA PRO A 26 10.70 -16.42 -38.25
C PRO A 26 10.42 -15.31 -37.25
N LEU A 27 9.46 -14.44 -37.55
CA LEU A 27 9.21 -13.27 -36.73
C LEU A 27 8.34 -13.58 -35.50
N ALA A 28 8.44 -12.73 -34.49
CA ALA A 28 7.57 -12.82 -33.32
C ALA A 28 6.15 -12.40 -33.71
N PRO A 29 5.14 -12.87 -32.95
CA PRO A 29 3.74 -12.55 -33.26
C PRO A 29 3.45 -11.05 -33.33
N ASN A 30 4.28 -10.22 -32.70
CA ASN A 30 4.12 -8.78 -32.79
C ASN A 30 4.85 -8.20 -34.01
N GLY A 31 5.44 -9.08 -34.81
CA GLY A 31 6.12 -8.67 -36.02
C GLY A 31 7.55 -8.23 -35.83
N LEU A 32 8.12 -8.53 -34.67
CA LEU A 32 9.53 -8.24 -34.42
C LEU A 32 10.44 -9.43 -34.69
N ASN A 33 11.72 -9.15 -34.88
CA ASN A 33 12.70 -10.21 -35.04
C ASN A 33 13.33 -10.54 -33.69
N PRO A 34 13.15 -11.78 -33.22
CA PRO A 34 13.55 -12.22 -31.87
C PRO A 34 15.01 -11.90 -31.55
N ALA A 35 15.88 -12.02 -32.55
CA ALA A 35 17.30 -11.78 -32.36
C ALA A 35 17.63 -10.32 -32.06
N THR A 36 16.79 -9.41 -32.53
CA THR A 36 17.05 -7.99 -32.34
C THR A 36 16.14 -7.32 -31.32
N ILE A 37 15.33 -8.11 -30.61
CA ILE A 37 14.45 -7.56 -29.58
C ILE A 37 15.26 -7.00 -28.42
N MET A 38 16.32 -7.70 -28.06
CA MET A 38 17.24 -7.20 -27.05
C MET A 38 18.42 -6.51 -27.74
N GLU A 39 18.96 -5.47 -27.09
CA GLU A 39 20.04 -4.67 -27.66
C GLU A 39 21.30 -5.49 -27.88
N LYS A 40 22.09 -5.11 -28.90
CA LYS A 40 23.28 -5.87 -29.28
C LYS A 40 24.28 -5.98 -28.13
N ALA A 41 24.47 -4.87 -27.42
CA ALA A 41 25.38 -4.81 -26.29
C ALA A 41 25.00 -5.85 -25.24
N VAL A 42 23.72 -5.89 -24.89
CA VAL A 42 23.22 -6.83 -23.91
C VAL A 42 23.33 -8.27 -24.41
N ARG A 43 23.10 -8.48 -25.72
CA ARG A 43 23.27 -9.81 -26.30
C ARG A 43 24.71 -10.28 -26.12
N GLU A 44 25.65 -9.35 -26.31
CA GLU A 44 27.06 -9.64 -26.11
C GLU A 44 27.32 -10.02 -24.66
N ARG A 45 26.83 -9.19 -23.73
CA ARG A 45 27.04 -9.44 -22.31
C ARG A 45 26.52 -10.82 -21.92
N ILE A 46 25.39 -11.20 -22.50
CA ILE A 46 24.80 -12.51 -22.22
C ILE A 46 25.59 -13.68 -22.79
N VAL A 47 25.88 -13.65 -24.09
CA VAL A 47 26.49 -14.80 -24.74
C VAL A 47 27.91 -15.04 -24.23
N GLU A 48 28.57 -13.97 -23.80
CA GLU A 48 29.89 -14.06 -23.18
C GLU A 48 29.83 -14.55 -21.73
N SER A 49 28.65 -14.43 -21.11
CA SER A 49 28.50 -14.72 -19.67
C SER A 49 28.72 -16.19 -19.36
N TYR A 50 29.20 -16.45 -18.15
CA TYR A 50 29.43 -17.80 -17.66
C TYR A 50 28.14 -18.61 -17.58
N PHE A 51 27.07 -17.98 -17.11
CA PHE A 51 25.80 -18.68 -16.96
C PHE A 51 25.27 -19.18 -18.29
N TRP A 52 25.42 -18.36 -19.32
CA TRP A 52 24.97 -18.74 -20.66
C TRP A 52 25.77 -19.94 -21.15
N LYS A 53 27.10 -19.87 -20.99
CA LYS A 53 28.01 -20.90 -21.46
C LYS A 53 27.86 -22.23 -20.74
N GLU A 54 27.52 -22.18 -19.45
CA GLU A 54 27.49 -23.40 -18.64
C GLU A 54 26.10 -23.94 -18.35
N GLN A 55 25.07 -23.11 -18.49
CA GLN A 55 23.72 -23.50 -18.10
C GLN A 55 22.69 -23.29 -19.18
N CYS A 56 23.02 -22.47 -20.19
CA CYS A 56 22.09 -22.24 -21.29
C CYS A 56 22.50 -22.99 -22.54
N PHE A 57 23.68 -23.60 -22.50
CA PHE A 57 24.20 -24.26 -23.68
C PHE A 57 23.35 -25.47 -24.06
N GLY A 58 22.81 -25.43 -25.27
CA GLY A 58 22.02 -26.51 -25.82
C GLY A 58 20.79 -26.91 -25.04
N VAL A 59 20.19 -25.97 -24.31
CA VAL A 59 19.04 -26.27 -23.46
C VAL A 59 17.74 -26.37 -24.25
N ASN A 60 16.74 -26.95 -23.60
CA ASN A 60 15.44 -27.22 -24.19
C ASN A 60 14.34 -26.50 -23.43
N GLU A 61 13.13 -26.56 -23.96
CA GLU A 61 11.98 -25.94 -23.32
C GLU A 61 11.68 -26.53 -21.93
N ALA A 62 11.86 -27.85 -21.78
CA ALA A 62 11.75 -28.48 -20.46
C ALA A 62 12.88 -27.98 -19.55
N ASP A 63 14.05 -27.92 -20.16
CA ASP A 63 15.24 -27.46 -19.49
C ASP A 63 15.00 -26.05 -19.00
N ILE A 64 14.14 -25.29 -19.68
CA ILE A 64 13.90 -23.92 -19.28
C ILE A 64 13.31 -23.86 -17.88
N VAL A 65 12.27 -24.66 -17.63
CA VAL A 65 11.67 -24.73 -16.31
C VAL A 65 12.70 -25.20 -15.30
N ASP A 66 13.45 -26.24 -15.66
CA ASP A 66 14.46 -26.75 -14.73
C ASP A 66 15.48 -25.67 -14.34
N ARG A 67 15.94 -24.90 -15.34
CA ARG A 67 16.91 -23.83 -15.12
C ARG A 67 16.33 -22.70 -14.29
N VAL A 68 15.06 -22.38 -14.52
CA VAL A 68 14.43 -21.33 -13.73
C VAL A 68 14.36 -21.72 -12.26
N VAL A 69 13.89 -22.93 -11.99
CA VAL A 69 13.79 -23.40 -10.60
C VAL A 69 15.18 -23.45 -9.96
N GLU A 70 16.13 -23.96 -10.72
CA GLU A 70 17.51 -24.15 -10.24
C GLU A 70 18.29 -22.85 -9.99
N HIS A 71 18.16 -21.88 -10.88
CA HIS A 71 19.13 -20.80 -10.96
C HIS A 71 18.65 -19.37 -10.78
N VAL A 72 17.37 -19.09 -11.01
CA VAL A 72 16.95 -17.70 -10.91
C VAL A 72 16.34 -17.42 -9.53
N ARG A 73 16.91 -16.42 -8.87
CA ARG A 73 16.52 -16.02 -7.53
C ARG A 73 16.07 -14.57 -7.52
N PHE A 74 16.07 -13.94 -8.69
CA PHE A 74 15.62 -12.56 -8.81
C PHE A 74 15.36 -12.16 -10.25
N VAL A 75 14.64 -11.05 -10.42
CA VAL A 75 14.46 -10.45 -11.74
C VAL A 75 15.38 -9.23 -11.86
N GLY A 76 16.05 -9.14 -13.01
CA GLY A 76 16.94 -8.02 -13.28
C GLY A 76 17.52 -8.12 -14.67
N GLY A 77 18.15 -7.04 -15.13
CA GLY A 77 18.85 -7.04 -16.41
C GLY A 77 20.33 -7.27 -16.24
N VAL A 78 21.12 -6.24 -16.51
CA VAL A 78 22.57 -6.32 -16.32
C VAL A 78 22.95 -5.43 -15.14
N THR A 79 23.83 -5.94 -14.27
CA THR A 79 24.11 -5.28 -13.00
C THR A 79 25.61 -5.20 -12.73
N GLY A 80 26.03 -4.20 -11.97
CA GLY A 80 27.40 -4.09 -11.51
C GLY A 80 28.35 -3.53 -12.55
N VAL A 81 29.58 -3.28 -12.13
CA VAL A 81 30.61 -2.76 -13.01
C VAL A 81 30.92 -3.78 -14.10
N THR A 82 30.90 -5.05 -13.74
CA THR A 82 31.21 -6.13 -14.68
C THR A 82 30.11 -6.31 -15.72
N GLN A 83 28.96 -5.67 -15.49
CA GLN A 83 27.82 -5.76 -16.39
C GLN A 83 27.34 -7.20 -16.56
N LYS A 84 27.16 -7.90 -15.44
CA LYS A 84 26.69 -9.28 -15.49
C LYS A 84 25.18 -9.34 -15.72
N PRO A 85 24.76 -10.10 -16.74
CA PRO A 85 23.33 -10.30 -16.97
C PRO A 85 22.80 -11.37 -16.03
N SER A 86 21.59 -11.16 -15.51
CA SER A 86 21.01 -12.11 -14.58
C SER A 86 20.69 -13.40 -15.31
N PRO A 87 20.67 -14.52 -14.58
CA PRO A 87 20.21 -15.78 -15.17
C PRO A 87 18.83 -15.61 -15.79
N PHE A 88 18.01 -14.79 -15.16
CA PHE A 88 16.67 -14.47 -15.64
C PHE A 88 16.72 -13.89 -17.06
N LEU A 89 17.58 -12.89 -17.24
CA LEU A 89 17.73 -12.25 -18.54
C LEU A 89 18.26 -13.22 -19.58
N CYS A 90 19.25 -14.02 -19.19
CA CYS A 90 19.86 -14.99 -20.08
C CYS A 90 18.82 -16.00 -20.57
N LEU A 91 17.97 -16.44 -19.66
CA LEU A 91 16.91 -17.38 -20.00
C LEU A 91 15.88 -16.72 -20.88
N ALA A 92 15.63 -15.43 -20.68
CA ALA A 92 14.73 -14.70 -21.56
C ALA A 92 15.29 -14.70 -22.98
N PHE A 93 16.58 -14.44 -23.09
CA PHE A 93 17.24 -14.41 -24.40
C PHE A 93 17.18 -15.78 -25.05
N LYS A 94 17.37 -16.81 -24.23
CA LYS A 94 17.28 -18.18 -24.74
C LYS A 94 15.87 -18.48 -25.23
N LEU A 95 14.87 -17.95 -24.55
CA LEU A 95 13.49 -18.12 -24.98
C LEU A 95 13.29 -17.42 -26.32
N LEU A 96 13.90 -16.26 -26.48
CA LEU A 96 13.86 -15.55 -27.75
C LEU A 96 14.46 -16.43 -28.84
N GLN A 97 15.54 -17.13 -28.51
CA GLN A 97 16.18 -18.06 -29.44
C GLN A 97 15.27 -19.23 -29.81
N LEU A 98 14.68 -19.85 -28.80
CA LEU A 98 13.86 -21.06 -28.97
C LEU A 98 12.51 -20.76 -29.60
N ALA A 99 12.06 -19.52 -29.46
CA ALA A 99 10.78 -19.08 -30.01
C ALA A 99 9.63 -20.03 -29.69
N PRO A 100 9.35 -20.25 -28.39
CA PRO A 100 8.37 -21.26 -28.00
C PRO A 100 6.96 -20.88 -28.45
N GLY A 101 6.09 -21.87 -28.59
CA GLY A 101 4.74 -21.64 -29.10
C GLY A 101 3.76 -21.40 -27.96
N ASP A 102 2.51 -21.16 -28.33
CA ASP A 102 1.48 -20.76 -27.36
C ASP A 102 1.24 -21.81 -26.30
N ASP A 103 1.37 -23.08 -26.66
CA ASP A 103 1.17 -24.17 -25.71
C ASP A 103 2.20 -24.11 -24.59
N ILE A 104 3.47 -23.95 -24.97
CA ILE A 104 4.56 -23.91 -24.01
C ILE A 104 4.45 -22.69 -23.09
N LEU A 105 4.10 -21.55 -23.67
CA LEU A 105 3.91 -20.32 -22.91
C LEU A 105 2.74 -20.47 -21.95
N LYS A 106 1.71 -21.15 -22.40
CA LYS A 106 0.51 -21.38 -21.60
C LYS A 106 0.88 -22.21 -20.38
N GLU A 107 1.69 -23.25 -20.61
CA GLU A 107 2.16 -24.10 -19.52
C GLU A 107 2.99 -23.32 -18.51
N TYR A 108 3.98 -22.57 -19.02
CA TYR A 108 4.90 -21.84 -18.17
C TYR A 108 4.08 -20.93 -17.28
N LEU A 109 3.33 -20.06 -17.95
CA LEU A 109 2.60 -18.98 -17.30
C LEU A 109 1.64 -19.52 -16.26
N TYR A 110 0.68 -20.35 -16.68
CA TYR A 110 -0.39 -20.72 -15.78
C TYR A 110 0.03 -21.82 -14.80
N PHE A 111 0.56 -22.92 -15.34
CA PHE A 111 0.79 -24.11 -14.52
C PHE A 111 2.14 -23.95 -13.82
N GLY A 112 3.13 -23.54 -14.60
CA GLY A 112 4.46 -23.37 -14.07
C GLY A 112 4.37 -22.18 -13.15
N GLY A 113 3.68 -21.13 -13.59
CA GLY A 113 3.64 -19.90 -12.83
C GLY A 113 2.98 -20.16 -11.49
N GLU A 114 1.95 -21.00 -11.49
CA GLU A 114 1.29 -21.33 -10.24
C GLU A 114 2.30 -22.00 -9.31
N LYS A 115 3.07 -22.94 -9.83
CA LYS A 115 4.08 -23.57 -8.99
C LYS A 115 5.34 -22.70 -8.76
N PHE A 116 5.84 -22.08 -9.82
CA PHE A 116 7.08 -21.30 -9.73
C PHE A 116 6.91 -19.87 -10.21
N LYS A 117 6.95 -18.94 -9.25
CA LYS A 117 6.68 -17.55 -9.52
C LYS A 117 7.64 -16.91 -10.52
N TYR A 118 8.93 -17.26 -10.45
CA TYR A 118 9.91 -16.71 -11.38
C TYR A 118 9.67 -17.23 -12.80
N LEU A 119 9.10 -18.43 -12.92
CA LEU A 119 8.73 -18.94 -14.23
C LEU A 119 7.63 -18.07 -14.83
N ARG A 120 6.68 -17.66 -13.99
CA ARG A 120 5.62 -16.75 -14.42
C ARG A 120 6.18 -15.40 -14.80
N ALA A 121 7.16 -14.94 -14.03
CA ALA A 121 7.80 -13.65 -14.31
C ALA A 121 8.49 -13.69 -15.66
N LEU A 122 9.20 -14.79 -15.91
CA LEU A 122 9.91 -14.99 -17.17
C LEU A 122 8.93 -15.04 -18.33
N ALA A 123 7.87 -15.82 -18.17
CA ALA A 123 6.87 -15.98 -19.22
C ALA A 123 6.20 -14.64 -19.53
N ALA A 124 5.87 -13.90 -18.49
CA ALA A 124 5.23 -12.60 -18.66
C ALA A 124 6.18 -11.64 -19.39
N PHE A 125 7.45 -11.68 -19.01
CA PHE A 125 8.47 -10.84 -19.65
C PHE A 125 8.52 -11.16 -21.14
N TYR A 126 8.63 -12.45 -21.45
CA TYR A 126 8.73 -12.91 -22.83
C TYR A 126 7.49 -12.53 -23.64
N ILE A 127 6.32 -12.63 -23.00
CA ILE A 127 5.07 -12.26 -23.65
C ILE A 127 5.07 -10.78 -23.98
N ARG A 128 5.51 -9.95 -23.03
CA ARG A 128 5.58 -8.51 -23.25
C ARG A 128 6.53 -8.20 -24.40
N LEU A 129 7.60 -8.97 -24.49
CA LEU A 129 8.57 -8.80 -25.56
C LEU A 129 8.06 -9.20 -26.94
N THR A 130 7.28 -10.28 -27.02
CA THR A 130 7.00 -10.90 -28.32
C THR A 130 5.55 -10.87 -28.82
N ARG A 131 4.63 -10.34 -28.03
CA ARG A 131 3.21 -10.49 -28.34
C ARG A 131 2.55 -9.15 -28.64
N PRO A 132 1.50 -9.17 -29.50
CA PRO A 132 0.74 -7.95 -29.83
C PRO A 132 0.14 -7.30 -28.59
N ASP A 133 -0.07 -5.99 -28.64
CA ASP A 133 -0.38 -5.22 -27.44
C ASP A 133 -1.69 -5.64 -26.77
N LYS A 134 -2.73 -5.85 -27.55
CA LYS A 134 -4.03 -6.26 -27.01
C LYS A 134 -3.90 -7.58 -26.27
N GLU A 135 -3.22 -8.54 -26.91
CA GLU A 135 -2.98 -9.85 -26.33
C GLU A 135 -2.18 -9.72 -25.05
N VAL A 136 -1.21 -8.82 -25.04
CA VAL A 136 -0.38 -8.62 -23.86
C VAL A 136 -1.19 -8.12 -22.68
N TYR A 137 -2.05 -7.12 -22.93
CA TYR A 137 -2.90 -6.60 -21.87
C TYR A 137 -3.81 -7.71 -21.34
N THR A 138 -4.47 -8.42 -22.25
CA THR A 138 -5.42 -9.45 -21.85
C THR A 138 -4.75 -10.59 -21.08
N LEU A 139 -3.58 -11.02 -21.52
CA LEU A 139 -2.87 -12.11 -20.86
C LEU A 139 -2.27 -11.71 -19.52
N LEU A 140 -1.61 -10.56 -19.47
CA LEU A 140 -0.85 -10.18 -18.28
C LEU A 140 -1.68 -9.53 -17.17
N GLU A 141 -2.71 -8.77 -17.53
CA GLU A 141 -3.48 -8.04 -16.52
C GLU A 141 -4.09 -8.91 -15.40
N PRO A 142 -4.50 -10.16 -15.70
CA PRO A 142 -5.02 -10.95 -14.57
C PRO A 142 -4.01 -11.18 -13.45
N PHE A 143 -2.72 -11.16 -13.76
CA PHE A 143 -1.70 -11.45 -12.77
C PHE A 143 -1.34 -10.23 -11.93
N LEU A 144 -2.10 -9.14 -12.12
CA LEU A 144 -2.07 -8.04 -11.17
C LEU A 144 -2.65 -8.48 -9.82
N GLU A 145 -3.26 -9.67 -9.80
CA GLU A 145 -3.80 -10.26 -8.58
C GLU A 145 -2.80 -11.19 -7.91
N ASP A 146 -1.70 -11.47 -8.60
CA ASP A 146 -0.63 -12.31 -8.06
C ASP A 146 0.23 -11.46 -7.15
N ARG A 147 0.20 -11.75 -5.85
CA ARG A 147 0.80 -10.89 -4.85
C ARG A 147 2.08 -11.47 -4.28
N ARG A 148 2.55 -12.56 -4.88
CA ARG A 148 3.75 -13.25 -4.39
C ARG A 148 4.98 -12.35 -4.46
N LYS A 149 5.86 -12.49 -3.47
CA LYS A 149 7.06 -11.68 -3.40
C LYS A 149 8.13 -12.13 -4.40
N LEU A 150 8.82 -11.15 -4.98
CA LEU A 150 9.94 -11.39 -5.89
C LEU A 150 11.12 -10.52 -5.47
N ARG A 151 12.32 -10.99 -5.76
CA ARG A 151 13.51 -10.18 -5.51
C ARG A 151 13.89 -9.50 -6.81
N ARG A 152 14.31 -8.25 -6.72
CA ARG A 152 14.80 -7.52 -7.88
C ARG A 152 16.24 -7.09 -7.61
N LYS A 153 17.10 -7.19 -8.61
CA LYS A 153 18.52 -6.94 -8.37
C LYS A 153 18.84 -5.46 -8.37
N GLY A 154 19.35 -4.98 -7.24
CA GLY A 154 19.73 -3.59 -7.07
C GLY A 154 21.23 -3.41 -7.18
N LYS A 155 21.70 -2.23 -6.78
CA LYS A 155 23.12 -1.90 -6.85
C LYS A 155 23.96 -2.80 -5.94
N ASN A 156 23.49 -3.03 -4.72
CA ASN A 156 24.07 -4.05 -3.85
C ASN A 156 22.96 -4.97 -3.36
N GLY A 157 23.19 -6.27 -3.49
CA GLY A 157 22.17 -7.26 -3.13
C GLY A 157 20.91 -7.11 -3.94
N THR A 158 19.76 -7.22 -3.28
CA THR A 158 18.47 -7.14 -3.96
C THR A 158 17.46 -6.38 -3.12
N SER A 159 16.41 -5.88 -3.77
CA SER A 159 15.33 -5.19 -3.08
C SER A 159 14.05 -5.97 -3.34
N LEU A 160 13.05 -5.74 -2.49
CA LEU A 160 11.78 -6.44 -2.61
C LEU A 160 10.85 -5.81 -3.63
N THR A 161 10.19 -6.65 -4.43
CA THR A 161 9.11 -6.22 -5.29
C THR A 161 8.08 -7.33 -5.32
N TYR A 162 7.00 -7.15 -6.07
CA TYR A 162 5.94 -8.15 -6.09
C TYR A 162 5.53 -8.48 -7.51
N MET A 163 4.92 -9.64 -7.70
CA MET A 163 4.52 -10.08 -9.03
C MET A 163 3.59 -9.07 -9.71
N ASP A 164 2.63 -8.55 -8.96
CA ASP A 164 1.69 -7.59 -9.52
C ASP A 164 2.40 -6.31 -9.91
N GLU A 165 3.43 -5.96 -9.13
CA GLU A 165 4.25 -4.80 -9.44
C GLU A 165 5.11 -5.02 -10.69
N PHE A 166 5.62 -6.23 -10.84
CA PHE A 166 6.40 -6.59 -12.02
C PHE A 166 5.53 -6.55 -13.28
N ILE A 167 4.33 -7.12 -13.18
CA ILE A 167 3.37 -7.11 -14.28
C ILE A 167 2.99 -5.68 -14.65
N ASP A 168 2.71 -4.89 -13.63
CA ASP A 168 2.35 -3.48 -13.84
C ASP A 168 3.49 -2.74 -14.53
N ASP A 169 4.72 -3.07 -14.14
CA ASP A 169 5.90 -2.51 -14.78
C ASP A 169 5.97 -2.88 -16.27
N LEU A 170 5.71 -4.15 -16.56
CA LEU A 170 5.68 -4.61 -17.94
C LEU A 170 4.63 -3.87 -18.75
N LEU A 171 3.49 -3.62 -18.13
CA LEU A 171 2.37 -2.97 -18.78
C LEU A 171 2.49 -1.44 -18.92
N THR A 172 3.30 -0.80 -18.08
CA THR A 172 3.33 0.66 -18.05
C THR A 172 4.69 1.30 -18.29
N LYS A 173 5.74 0.48 -18.43
CA LYS A 173 7.09 1.03 -18.53
C LYS A 173 7.73 0.72 -19.88
N ASP A 174 8.60 1.62 -20.33
CA ASP A 174 9.32 1.46 -21.59
C ASP A 174 10.53 0.52 -21.47
N ARG A 175 11.19 0.53 -20.32
CA ARG A 175 12.37 -0.29 -20.14
C ARG A 175 12.30 -1.14 -18.87
N VAL A 176 12.44 -2.46 -19.06
CA VAL A 176 12.40 -3.41 -17.96
C VAL A 176 13.51 -4.44 -18.11
N CYS A 177 14.27 -4.66 -17.05
CA CYS A 177 15.36 -5.65 -17.04
C CYS A 177 16.37 -5.37 -18.14
N SER A 178 16.78 -4.10 -18.24
CA SER A 178 17.83 -3.69 -19.16
C SER A 178 17.41 -3.93 -20.60
N THR A 179 16.10 -4.06 -20.81
CA THR A 179 15.56 -4.33 -22.13
C THR A 179 14.51 -3.30 -22.51
N SER A 180 14.62 -2.76 -23.73
CA SER A 180 13.60 -1.85 -24.24
C SER A 180 12.46 -2.68 -24.80
N LEU A 181 11.25 -2.38 -24.35
CA LEU A 181 10.09 -3.15 -24.75
C LEU A 181 9.46 -2.43 -25.92
N TRP A 182 8.98 -3.17 -26.91
CA TRP A 182 8.50 -2.56 -28.14
C TRP A 182 7.35 -1.64 -27.75
N LYS A 183 7.32 -0.46 -28.34
CA LYS A 183 6.31 0.52 -27.97
C LYS A 183 4.91 0.02 -28.33
N MET A 184 3.98 0.21 -27.41
CA MET A 184 2.62 -0.30 -27.54
C MET A 184 1.63 0.83 -27.64
N ARG A 185 0.48 0.57 -28.24
CA ARG A 185 -0.60 1.52 -28.12
C ARG A 185 -1.03 1.50 -26.66
N ARG A 186 -1.26 2.68 -26.09
CA ARG A 186 -1.68 2.78 -24.71
C ARG A 186 -3.04 2.12 -24.53
N ARG A 187 -3.33 1.66 -23.32
CA ARG A 187 -4.56 0.93 -23.07
C ARG A 187 -5.79 1.77 -23.40
N ASP A 188 -5.74 3.06 -23.06
CA ASP A 188 -6.86 3.95 -23.34
C ASP A 188 -7.11 4.09 -24.85
N ILE A 189 -6.03 4.01 -25.64
CA ILE A 189 -6.16 4.03 -27.09
C ILE A 189 -6.94 2.80 -27.56
N LEU A 190 -6.58 1.63 -27.04
CA LEU A 190 -7.27 0.38 -27.37
C LEU A 190 -8.74 0.45 -26.96
N GLU A 191 -9.00 1.04 -25.80
CA GLU A 191 -10.35 1.18 -25.29
C GLU A 191 -11.17 2.10 -26.19
N ASP A 192 -10.54 3.18 -26.64
CA ASP A 192 -11.15 4.11 -27.57
C ASP A 192 -11.50 3.43 -28.88
N LEU A 193 -10.63 2.53 -29.32
CA LEU A 193 -10.83 1.76 -30.55
C LEU A 193 -11.71 0.52 -30.37
N ASP A 194 -12.27 0.36 -29.17
CA ASP A 194 -13.20 -0.73 -28.86
C ASP A 194 -12.56 -2.12 -28.92
N LEU A 195 -11.24 -2.16 -29.01
CA LEU A 195 -10.53 -3.43 -28.92
C LEU A 195 -10.57 -3.97 -27.49
N LEU A 196 -10.54 -3.07 -26.51
CA LEU A 196 -10.54 -3.47 -25.11
C LEU A 196 -11.62 -2.73 -24.29
N GLU A 197 -12.30 -3.48 -23.43
CA GLU A 197 -13.14 -2.86 -22.41
C GLU A 197 -12.23 -2.40 -21.28
N PRO A 198 -12.72 -1.47 -20.44
CA PRO A 198 -11.90 -1.04 -19.30
C PRO A 198 -11.57 -2.20 -18.36
N ARG A 199 -10.41 -2.15 -17.73
CA ARG A 199 -9.95 -3.24 -16.88
C ARG A 199 -10.86 -3.38 -15.67
N VAL A 200 -11.18 -4.62 -15.31
CA VAL A 200 -12.00 -4.86 -14.12
C VAL A 200 -11.13 -5.41 -12.99
N SER A 201 -11.03 -4.64 -11.91
CA SER A 201 -10.23 -5.03 -10.76
C SER A 201 -10.94 -6.12 -9.97
N PRO A 202 -10.17 -7.05 -9.39
CA PRO A 202 -10.71 -8.08 -8.50
C PRO A 202 -11.49 -7.46 -7.34
N LEU A 203 -11.02 -6.30 -6.89
CA LEU A 203 -11.69 -5.56 -5.83
C LEU A 203 -13.02 -4.96 -6.32
N GLY A 204 -13.09 -4.64 -7.60
CA GLY A 204 -14.25 -3.97 -8.17
C GLY A 204 -13.99 -2.49 -8.40
N SER A 205 -15.05 -1.72 -8.63
CA SER A 205 -14.88 -0.29 -8.87
C SER A 205 -14.43 0.43 -7.60
N LEU A 206 -13.85 1.61 -7.79
CA LEU A 206 -13.40 2.44 -6.67
C LEU A 206 -14.56 2.82 -5.75
N GLU A 207 -15.73 3.07 -6.35
CA GLU A 207 -16.93 3.41 -5.58
C GLU A 207 -17.36 2.25 -4.70
N ASP A 208 -17.28 1.03 -5.24
CA ASP A 208 -17.64 -0.15 -4.47
C ASP A 208 -16.73 -0.26 -3.26
N ILE A 209 -15.44 -0.03 -3.48
CA ILE A 209 -14.43 -0.09 -2.43
C ILE A 209 -14.75 0.94 -1.36
N LEU A 210 -15.18 2.12 -1.79
CA LEU A 210 -15.55 3.17 -0.86
C LEU A 210 -16.75 2.75 -0.02
N GLU A 211 -17.75 2.13 -0.64
CA GLU A 211 -18.92 1.68 0.10
C GLU A 211 -18.57 0.62 1.14
N GLU A 212 -17.75 -0.36 0.75
CA GLU A 212 -17.34 -1.41 1.68
C GLU A 212 -16.53 -0.80 2.83
N GLU A 213 -15.69 0.18 2.50
CA GLU A 213 -14.86 0.84 3.50
C GLU A 213 -15.72 1.59 4.52
N GLU A 214 -16.73 2.30 4.01
CA GLU A 214 -17.64 3.06 4.85
C GLU A 214 -18.44 2.13 5.76
N GLN A 215 -18.86 1.00 5.20
CA GLN A 215 -19.61 0.03 5.98
C GLN A 215 -18.76 -0.59 7.08
N ALA A 216 -17.52 -0.91 6.74
CA ALA A 216 -16.58 -1.49 7.71
C ALA A 216 -16.32 -0.48 8.84
N ALA A 217 -16.20 0.79 8.47
CA ALA A 217 -15.95 1.84 9.45
C ALA A 217 -17.15 2.11 10.36
N LYS A 218 -18.34 2.18 9.77
CA LYS A 218 -19.55 2.48 10.52
C LYS A 218 -19.87 1.39 11.56
N ASN A 219 -19.83 0.13 11.13
CA ASN A 219 -19.98 -0.98 12.06
C ASN A 219 -18.74 -1.06 12.95
N GLU A 220 -18.89 -1.68 14.13
CA GLU A 220 -17.75 -1.79 15.05
C GLU A 220 -16.72 -2.79 14.55
N ASP A 221 -15.46 -2.34 14.48
CA ASP A 221 -14.35 -3.20 14.09
C ASP A 221 -13.03 -2.64 14.60
N PRO B 7 -13.26 -4.86 53.94
CA PRO B 7 -12.79 -3.70 54.69
C PRO B 7 -11.83 -2.84 53.88
N ASP B 8 -12.25 -2.47 52.68
CA ASP B 8 -11.44 -1.70 51.75
C ASP B 8 -12.31 -0.66 51.03
N THR B 9 -11.78 0.54 50.89
CA THR B 9 -12.49 1.67 50.28
C THR B 9 -12.77 1.55 48.77
N HIS B 10 -12.06 0.65 48.10
CA HIS B 10 -12.11 0.55 46.65
C HIS B 10 -13.52 0.43 46.06
N ARG B 11 -14.36 -0.42 46.65
CA ARG B 11 -15.72 -0.61 46.15
C ARG B 11 -16.55 0.66 46.27
N ALA B 12 -16.42 1.34 47.41
CA ALA B 12 -17.10 2.60 47.65
C ALA B 12 -16.67 3.67 46.66
N ASP B 13 -15.36 3.74 46.43
CA ASP B 13 -14.79 4.70 45.49
C ASP B 13 -15.31 4.45 44.08
N GLU B 14 -15.35 3.17 43.71
CA GLU B 14 -15.81 2.78 42.38
C GLU B 14 -17.27 3.19 42.19
N ARG B 15 -18.11 2.83 43.15
CA ARG B 15 -19.55 3.14 43.05
C ARG B 15 -19.78 4.65 43.02
N ARG B 16 -19.00 5.37 43.82
CA ARG B 16 -19.11 6.82 43.89
C ARG B 16 -18.74 7.40 42.51
N PHE B 17 -17.71 6.85 41.88
CA PHE B 17 -17.28 7.26 40.55
C PHE B 17 -18.30 6.98 39.44
N LEU B 18 -18.87 5.78 39.41
CA LEU B 18 -19.75 5.42 38.32
C LEU B 18 -21.01 6.26 38.31
N ASP B 19 -21.67 6.36 39.47
CA ASP B 19 -22.95 7.04 39.55
C ASP B 19 -22.81 8.55 39.74
N GLU B 20 -23.14 9.30 38.68
CA GLU B 20 -23.27 10.76 38.74
C GLU B 20 -22.05 11.46 39.33
N ARG B 21 -20.84 11.12 38.86
CA ARG B 21 -19.63 11.79 39.31
C ARG B 21 -19.51 13.22 38.79
N GLY B 22 -20.30 13.53 37.77
CA GLY B 22 -20.29 14.85 37.14
C GLY B 22 -20.43 16.02 38.10
N SER B 23 -21.09 15.78 39.23
CA SER B 23 -21.19 16.77 40.29
C SER B 23 -19.86 17.08 41.00
N SER B 24 -19.13 16.03 41.36
CA SER B 24 -17.87 16.20 42.09
C SER B 24 -16.64 15.61 41.38
N GLY B 25 -16.56 15.80 40.08
CA GLY B 25 -15.46 15.24 39.31
C GLY B 25 -14.56 16.30 38.72
N PRO B 26 -13.24 16.17 38.94
CA PRO B 26 -12.32 17.09 38.26
C PRO B 26 -12.39 16.83 36.76
N LEU B 27 -12.39 17.90 35.97
CA LEU B 27 -12.64 17.76 34.54
C LEU B 27 -11.39 17.35 33.79
N ALA B 28 -11.60 16.75 32.62
CA ALA B 28 -10.49 16.43 31.73
C ALA B 28 -9.98 17.74 31.15
N PRO B 29 -8.69 17.78 30.75
CA PRO B 29 -8.10 19.01 30.21
C PRO B 29 -8.86 19.58 29.00
N ASN B 30 -9.63 18.75 28.30
CA ASN B 30 -10.44 19.23 27.19
C ASN B 30 -11.80 19.75 27.66
N GLY B 31 -12.02 19.72 28.97
CA GLY B 31 -13.25 20.23 29.55
C GLY B 31 -14.40 19.25 29.58
N LEU B 32 -14.11 17.98 29.36
CA LEU B 32 -15.13 16.93 29.47
C LEU B 32 -15.09 16.31 30.86
N ASN B 33 -16.17 15.65 31.25
CA ASN B 33 -16.22 14.92 32.51
C ASN B 33 -15.89 13.45 32.31
N PRO B 34 -14.80 12.98 32.93
CA PRO B 34 -14.25 11.64 32.74
C PRO B 34 -15.30 10.53 32.93
N ALA B 35 -16.20 10.75 33.87
CA ALA B 35 -17.24 9.77 34.19
C ALA B 35 -18.26 9.59 33.08
N THR B 36 -18.49 10.64 32.29
CA THR B 36 -19.52 10.60 31.25
C THR B 36 -18.99 10.53 29.81
N ILE B 37 -17.68 10.34 29.65
CA ILE B 37 -17.07 10.28 28.32
C ILE B 37 -17.54 9.07 27.51
N MET B 38 -17.68 7.93 28.18
CA MET B 38 -18.21 6.73 27.53
C MET B 38 -19.71 6.65 27.73
N GLU B 39 -20.41 6.09 26.74
CA GLU B 39 -21.87 6.02 26.76
C GLU B 39 -22.37 5.22 27.95
N LYS B 40 -23.57 5.54 28.42
CA LYS B 40 -24.11 4.91 29.63
C LYS B 40 -24.16 3.39 29.48
N ALA B 41 -24.59 2.93 28.32
CA ALA B 41 -24.70 1.50 28.05
C ALA B 41 -23.35 0.79 28.21
N VAL B 42 -22.33 1.31 27.52
CA VAL B 42 -21.00 0.68 27.61
C VAL B 42 -20.40 0.83 29.00
N ARG B 43 -20.65 1.94 29.69
CA ARG B 43 -20.19 2.07 31.08
C ARG B 43 -20.76 0.94 31.92
N GLU B 44 -22.05 0.67 31.72
CA GLU B 44 -22.68 -0.45 32.41
C GLU B 44 -22.03 -1.77 32.02
N ARG B 45 -21.91 -2.03 30.72
CA ARG B 45 -21.34 -3.29 30.25
C ARG B 45 -19.96 -3.54 30.83
N ILE B 46 -19.19 -2.46 30.99
CA ILE B 46 -17.86 -2.54 31.58
C ILE B 46 -17.96 -2.89 33.07
N VAL B 47 -18.77 -2.15 33.81
CA VAL B 47 -18.79 -2.36 35.27
C VAL B 47 -19.39 -3.73 35.64
N GLU B 48 -20.27 -4.27 34.79
CA GLU B 48 -20.82 -5.62 35.02
C GLU B 48 -19.79 -6.70 34.70
N SER B 49 -18.80 -6.35 33.89
CA SER B 49 -17.87 -7.35 33.34
C SER B 49 -16.99 -8.04 34.37
N TYR B 50 -16.64 -9.29 34.09
CA TYR B 50 -15.75 -10.09 34.92
C TYR B 50 -14.35 -9.50 35.03
N PHE B 51 -13.84 -9.02 33.90
CA PHE B 51 -12.49 -8.47 33.84
C PHE B 51 -12.35 -7.27 34.76
N TRP B 52 -13.38 -6.42 34.76
CA TRP B 52 -13.37 -5.24 35.62
C TRP B 52 -13.37 -5.63 37.09
N LYS B 53 -14.26 -6.55 37.45
CA LYS B 53 -14.42 -6.96 38.84
C LYS B 53 -13.22 -7.73 39.40
N GLU B 54 -12.56 -8.51 38.54
CA GLU B 54 -11.51 -9.40 39.02
C GLU B 54 -10.08 -8.93 38.70
N GLN B 55 -9.93 -8.02 37.74
CA GLN B 55 -8.60 -7.64 37.28
C GLN B 55 -8.38 -6.13 37.35
N CYS B 56 -9.46 -5.37 37.46
CA CYS B 56 -9.38 -3.92 37.57
C CYS B 56 -9.63 -3.45 38.99
N PHE B 57 -10.05 -4.36 39.86
CA PHE B 57 -10.43 -3.98 41.21
C PHE B 57 -9.23 -3.47 41.99
N GLY B 58 -9.33 -2.24 42.49
CA GLY B 58 -8.29 -1.64 43.30
C GLY B 58 -6.96 -1.56 42.58
N VAL B 59 -7.01 -1.44 41.26
CA VAL B 59 -5.80 -1.45 40.45
C VAL B 59 -5.07 -0.10 40.53
N ASN B 60 -3.79 -0.11 40.17
CA ASN B 60 -2.98 1.10 40.25
C ASN B 60 -2.43 1.47 38.88
N GLU B 61 -1.90 2.68 38.75
CA GLU B 61 -1.31 3.10 37.48
C GLU B 61 -0.07 2.28 37.16
N ALA B 62 0.69 1.92 38.19
CA ALA B 62 1.82 1.00 38.02
C ALA B 62 1.31 -0.35 37.55
N ASP B 63 0.22 -0.80 38.18
CA ASP B 63 -0.42 -2.06 37.83
C ASP B 63 -0.94 -2.07 36.38
N ILE B 64 -1.29 -0.89 35.86
CA ILE B 64 -1.92 -0.79 34.54
C ILE B 64 -1.06 -1.38 33.43
N VAL B 65 0.23 -1.06 33.42
CA VAL B 65 1.14 -1.63 32.43
C VAL B 65 1.12 -3.15 32.50
N ASP B 66 1.18 -3.65 33.74
CA ASP B 66 1.15 -5.10 34.00
C ASP B 66 -0.13 -5.72 33.44
N ARG B 67 -1.25 -5.04 33.65
CA ARG B 67 -2.54 -5.52 33.18
C ARG B 67 -2.60 -5.54 31.66
N VAL B 68 -2.03 -4.51 31.04
CA VAL B 68 -2.01 -4.43 29.58
C VAL B 68 -1.20 -5.60 29.02
N VAL B 69 -0.02 -5.82 29.58
CA VAL B 69 0.85 -6.91 29.14
C VAL B 69 0.18 -8.27 29.35
N GLU B 70 -0.42 -8.45 30.51
CA GLU B 70 -1.04 -9.72 30.87
C GLU B 70 -2.28 -10.06 30.06
N HIS B 71 -3.12 -9.06 29.81
CA HIS B 71 -4.50 -9.33 29.40
C HIS B 71 -4.94 -8.76 28.06
N VAL B 72 -4.24 -7.75 27.56
CA VAL B 72 -4.71 -7.13 26.32
C VAL B 72 -4.04 -7.78 25.12
N ARG B 73 -4.87 -8.35 24.25
CA ARG B 73 -4.37 -9.05 23.06
C ARG B 73 -4.94 -8.44 21.78
N PHE B 74 -5.79 -7.43 21.94
CA PHE B 74 -6.39 -6.74 20.80
C PHE B 74 -6.99 -5.41 21.23
N VAL B 75 -7.27 -4.56 20.26
CA VAL B 75 -8.00 -3.32 20.53
C VAL B 75 -9.46 -3.49 20.09
N GLY B 76 -10.38 -3.08 20.95
CA GLY B 76 -11.78 -3.18 20.61
C GLY B 76 -12.69 -2.58 21.67
N GLY B 77 -13.96 -2.41 21.32
CA GLY B 77 -14.93 -1.94 22.29
C GLY B 77 -15.73 -3.08 22.87
N VAL B 78 -17.03 -3.11 22.57
CA VAL B 78 -17.88 -4.21 23.00
C VAL B 78 -18.31 -5.04 21.79
N THR B 79 -18.24 -6.36 21.93
CA THR B 79 -18.46 -7.26 20.81
C THR B 79 -19.40 -8.40 21.19
N GLY B 80 -20.08 -8.95 20.19
CA GLY B 80 -20.91 -10.12 20.39
C GLY B 80 -22.28 -9.79 20.96
N VAL B 81 -23.12 -10.80 21.04
CA VAL B 81 -24.46 -10.62 21.58
C VAL B 81 -24.42 -10.24 23.06
N THR B 82 -23.48 -10.84 23.79
CA THR B 82 -23.36 -10.59 25.23
C THR B 82 -22.86 -9.18 25.53
N GLN B 83 -22.41 -8.48 24.49
CA GLN B 83 -21.89 -7.12 24.61
C GLN B 83 -20.70 -7.09 25.57
N LYS B 84 -19.75 -7.99 25.36
CA LYS B 84 -18.57 -8.09 26.21
C LYS B 84 -17.57 -6.99 25.90
N PRO B 85 -17.19 -6.21 26.92
CA PRO B 85 -16.16 -5.19 26.73
C PRO B 85 -14.76 -5.79 26.78
N SER B 86 -13.90 -5.35 25.88
CA SER B 86 -12.54 -5.85 25.82
C SER B 86 -11.77 -5.38 27.05
N PRO B 87 -10.75 -6.15 27.45
CA PRO B 87 -9.85 -5.71 28.52
C PRO B 87 -9.27 -4.33 28.22
N PHE B 88 -9.03 -4.06 26.94
CA PHE B 88 -8.54 -2.77 26.46
C PHE B 88 -9.49 -1.64 26.88
N LEU B 89 -10.77 -1.84 26.59
CA LEU B 89 -11.80 -0.84 26.90
C LEU B 89 -11.94 -0.65 28.41
N CYS B 90 -11.94 -1.76 29.15
CA CYS B 90 -12.06 -1.72 30.61
C CYS B 90 -10.90 -0.94 31.21
N LEU B 91 -9.70 -1.19 30.71
CA LEU B 91 -8.51 -0.49 31.19
C LEU B 91 -8.57 0.98 30.83
N ALA B 92 -9.16 1.29 29.68
CA ALA B 92 -9.38 2.68 29.29
C ALA B 92 -10.29 3.38 30.29
N PHE B 93 -11.37 2.70 30.66
CA PHE B 93 -12.33 3.25 31.60
C PHE B 93 -11.66 3.45 32.96
N LYS B 94 -10.81 2.49 33.32
CA LYS B 94 -10.05 2.58 34.56
C LYS B 94 -9.11 3.78 34.51
N LEU B 95 -8.55 4.06 33.34
CA LEU B 95 -7.72 5.25 33.15
C LEU B 95 -8.55 6.50 33.36
N LEU B 96 -9.78 6.48 32.87
CA LEU B 96 -10.71 7.59 33.12
C LEU B 96 -10.94 7.77 34.61
N GLN B 97 -11.03 6.64 35.33
CA GLN B 97 -11.17 6.68 36.79
C GLN B 97 -9.97 7.29 37.49
N LEU B 98 -8.79 6.82 37.13
CA LEU B 98 -7.56 7.23 37.80
C LEU B 98 -7.16 8.65 37.42
N ALA B 99 -7.64 9.11 36.27
CA ALA B 99 -7.33 10.45 35.76
C ALA B 99 -5.84 10.75 35.81
N PRO B 100 -5.02 9.95 35.11
CA PRO B 100 -3.57 10.04 35.22
C PRO B 100 -3.03 11.36 34.67
N GLY B 101 -1.85 11.77 35.14
CA GLY B 101 -1.26 13.03 34.76
C GLY B 101 -0.35 12.89 33.57
N ASP B 102 0.23 14.00 33.14
CA ASP B 102 1.04 14.03 31.92
C ASP B 102 2.30 13.18 32.02
N ASP B 103 2.89 13.10 33.21
CA ASP B 103 4.13 12.33 33.41
C ASP B 103 3.96 10.84 33.14
N ILE B 104 2.95 10.24 33.76
CA ILE B 104 2.68 8.81 33.63
C ILE B 104 2.24 8.49 32.20
N LEU B 105 1.45 9.39 31.60
CA LEU B 105 1.03 9.22 30.21
C LEU B 105 2.24 9.27 29.28
N LYS B 106 3.18 10.15 29.58
CA LYS B 106 4.41 10.26 28.82
C LYS B 106 5.15 8.93 28.90
N GLU B 107 5.19 8.35 30.11
CA GLU B 107 5.85 7.06 30.30
C GLU B 107 5.19 5.99 29.45
N TYR B 108 3.87 5.91 29.53
CA TYR B 108 3.12 4.88 28.82
C TYR B 108 3.43 4.99 27.33
N LEU B 109 3.11 6.17 26.80
CA LEU B 109 3.16 6.48 25.39
C LEU B 109 4.56 6.28 24.81
N TYR B 110 5.52 7.04 25.33
CA TYR B 110 6.85 7.03 24.76
C TYR B 110 7.68 5.85 25.25
N PHE B 111 7.77 5.69 26.56
CA PHE B 111 8.67 4.68 27.11
C PHE B 111 8.00 3.32 27.17
N GLY B 112 6.75 3.30 27.65
CA GLY B 112 6.03 2.04 27.77
C GLY B 112 5.67 1.49 26.40
N GLY B 113 5.28 2.39 25.51
CA GLY B 113 4.79 2.03 24.19
C GLY B 113 5.81 1.33 23.32
N GLU B 114 7.07 1.74 23.42
CA GLU B 114 8.14 1.13 22.62
C GLU B 114 8.25 -0.36 22.94
N LYS B 115 8.19 -0.68 24.23
CA LYS B 115 8.21 -2.06 24.68
C LYS B 115 6.88 -2.76 24.45
N PHE B 116 5.78 -2.08 24.78
CA PHE B 116 4.46 -2.68 24.66
C PHE B 116 3.51 -1.84 23.81
N LYS B 117 3.21 -2.30 22.60
CA LYS B 117 2.40 -1.52 21.65
C LYS B 117 0.96 -1.26 22.13
N TYR B 118 0.36 -2.25 22.80
CA TYR B 118 -1.00 -2.06 23.25
C TYR B 118 -1.07 -1.00 24.34
N LEU B 119 0.01 -0.83 25.08
CA LEU B 119 0.11 0.25 26.07
C LEU B 119 0.10 1.61 25.37
N ARG B 120 0.81 1.69 24.24
CA ARG B 120 0.82 2.91 23.45
C ARG B 120 -0.56 3.17 22.89
N ALA B 121 -1.23 2.11 22.44
CA ALA B 121 -2.57 2.22 21.88
C ALA B 121 -3.56 2.73 22.92
N LEU B 122 -3.45 2.19 24.12
CA LEU B 122 -4.28 2.60 25.23
C LEU B 122 -4.04 4.06 25.58
N ALA B 123 -2.77 4.43 25.65
CA ALA B 123 -2.39 5.80 25.98
C ALA B 123 -2.93 6.77 24.94
N ALA B 124 -2.79 6.41 23.67
CA ALA B 124 -3.25 7.23 22.56
C ALA B 124 -4.76 7.39 22.61
N PHE B 125 -5.45 6.29 22.90
CA PHE B 125 -6.91 6.32 23.02
C PHE B 125 -7.34 7.28 24.12
N TYR B 126 -6.72 7.13 25.29
CA TYR B 126 -7.06 7.97 26.44
C TYR B 126 -6.79 9.44 26.15
N ILE B 127 -5.67 9.69 25.47
CA ILE B 127 -5.28 11.05 25.10
C ILE B 127 -6.32 11.65 24.15
N ARG B 128 -6.74 10.87 23.16
CA ARG B 128 -7.75 11.32 22.22
C ARG B 128 -9.05 11.63 22.95
N LEU B 129 -9.36 10.83 23.96
CA LEU B 129 -10.58 11.05 24.75
C LEU B 129 -10.55 12.30 25.64
N THR B 130 -9.40 12.57 26.27
CA THR B 130 -9.37 13.57 27.35
C THR B 130 -8.53 14.83 27.13
N ARG B 131 -7.85 14.93 26.00
CA ARG B 131 -6.86 16.00 25.82
C ARG B 131 -7.31 16.98 24.74
N PRO B 132 -6.94 18.27 24.86
CA PRO B 132 -7.34 19.25 23.85
C PRO B 132 -6.84 18.89 22.45
N ASP B 133 -7.55 19.34 21.42
CA ASP B 133 -7.32 18.85 20.06
C ASP B 133 -5.90 19.16 19.57
N LYS B 134 -5.40 20.34 19.88
CA LYS B 134 -4.03 20.70 19.51
C LYS B 134 -3.05 19.70 20.09
N GLU B 135 -3.22 19.45 21.38
CA GLU B 135 -2.37 18.50 22.09
C GLU B 135 -2.54 17.09 21.53
N VAL B 136 -3.77 16.73 21.16
CA VAL B 136 -4.03 15.40 20.62
C VAL B 136 -3.30 15.19 19.29
N TYR B 137 -3.40 16.16 18.39
CA TYR B 137 -2.68 16.08 17.12
C TYR B 137 -1.19 16.03 17.37
N THR B 138 -0.71 16.94 18.20
CA THR B 138 0.73 17.08 18.45
C THR B 138 1.33 15.81 19.04
N LEU B 139 0.64 15.23 20.01
CA LEU B 139 1.09 14.01 20.67
C LEU B 139 0.97 12.76 19.79
N LEU B 140 -0.19 12.60 19.15
CA LEU B 140 -0.48 11.35 18.47
C LEU B 140 0.11 11.23 17.06
N GLU B 141 0.19 12.34 16.34
CA GLU B 141 0.65 12.29 14.95
C GLU B 141 2.05 11.69 14.71
N PRO B 142 3.00 11.87 15.65
CA PRO B 142 4.29 11.22 15.40
C PRO B 142 4.20 9.70 15.31
N PHE B 143 3.18 9.10 15.92
CA PHE B 143 3.07 7.66 15.95
C PHE B 143 2.40 7.11 14.71
N LEU B 144 2.15 7.99 13.73
CA LEU B 144 1.77 7.57 12.40
C LEU B 144 2.94 6.86 11.71
N GLU B 145 4.11 6.94 12.34
CA GLU B 145 5.30 6.28 11.86
C GLU B 145 5.46 4.90 12.51
N ASP B 146 4.64 4.62 13.51
CA ASP B 146 4.67 3.33 14.18
C ASP B 146 3.87 2.32 13.36
N ARG B 147 4.57 1.33 12.82
CA ARG B 147 3.98 0.41 11.85
C ARG B 147 3.73 -0.96 12.43
N ARG B 148 3.87 -1.09 13.75
CA ARG B 148 3.68 -2.38 14.41
C ARG B 148 2.24 -2.88 14.23
N LYS B 149 2.11 -4.19 14.11
CA LYS B 149 0.81 -4.82 13.93
C LYS B 149 0.00 -4.87 15.22
N LEU B 150 -1.31 -4.67 15.07
CA LEU B 150 -2.26 -4.78 16.17
C LEU B 150 -3.45 -5.64 15.76
N ARG B 151 -4.07 -6.27 16.74
CA ARG B 151 -5.32 -6.99 16.52
C ARG B 151 -6.51 -6.13 16.90
N ARG B 152 -7.56 -6.16 16.10
CA ARG B 152 -8.80 -5.51 16.48
C ARG B 152 -9.93 -6.52 16.48
N LYS B 153 -10.79 -6.44 17.47
CA LYS B 153 -11.84 -7.44 17.63
C LYS B 153 -13.02 -7.11 16.74
N GLY B 154 -13.34 -8.03 15.83
CA GLY B 154 -14.46 -7.88 14.93
C GLY B 154 -15.64 -8.69 15.40
N LYS B 155 -16.66 -8.80 14.54
CA LYS B 155 -17.85 -9.58 14.86
C LYS B 155 -17.53 -11.05 15.03
N ASN B 156 -16.67 -11.57 14.16
CA ASN B 156 -16.12 -12.92 14.35
C ASN B 156 -14.61 -12.89 14.38
N GLY B 157 -14.03 -13.50 15.41
CA GLY B 157 -12.59 -13.51 15.60
C GLY B 157 -12.01 -12.11 15.70
N THR B 158 -10.88 -11.91 15.03
CA THR B 158 -10.22 -10.62 15.03
C THR B 158 -9.60 -10.34 13.66
N SER B 159 -9.37 -9.07 13.35
CA SER B 159 -8.73 -8.70 12.09
C SER B 159 -7.46 -7.91 12.35
N LEU B 160 -6.61 -7.84 11.33
CA LEU B 160 -5.34 -7.12 11.43
C LEU B 160 -5.51 -5.62 11.20
N THR B 161 -4.80 -4.85 12.01
CA THR B 161 -4.66 -3.41 11.80
C THR B 161 -3.25 -3.02 12.22
N TYR B 162 -2.92 -1.75 12.14
CA TYR B 162 -1.57 -1.31 12.49
C TYR B 162 -1.66 -0.11 13.41
N MET B 163 -0.58 0.15 14.14
CA MET B 163 -0.55 1.26 15.07
C MET B 163 -0.82 2.58 14.35
N ASP B 164 -0.21 2.77 13.18
CA ASP B 164 -0.40 4.01 12.44
C ASP B 164 -1.85 4.13 11.96
N GLU B 165 -2.47 3.00 11.65
CA GLU B 165 -3.88 2.98 11.26
C GLU B 165 -4.80 3.28 12.46
N PHE B 166 -4.43 2.77 13.63
CA PHE B 166 -5.19 3.05 14.85
C PHE B 166 -5.12 4.53 15.20
N ILE B 167 -3.92 5.09 15.12
CA ILE B 167 -3.71 6.51 15.38
C ILE B 167 -4.51 7.34 14.39
N ASP B 168 -4.41 6.97 13.12
CA ASP B 168 -5.15 7.69 12.08
C ASP B 168 -6.65 7.61 12.32
N ASP B 169 -7.10 6.45 12.81
CA ASP B 169 -8.50 6.26 13.16
C ASP B 169 -8.92 7.20 14.29
N LEU B 170 -8.07 7.33 15.30
CA LEU B 170 -8.33 8.24 16.41
C LEU B 170 -8.42 9.68 15.92
N LEU B 171 -7.54 10.03 15.00
CA LEU B 171 -7.49 11.40 14.48
C LEU B 171 -8.58 11.74 13.46
N THR B 172 -9.15 10.74 12.79
CA THR B 172 -10.07 11.02 11.68
C THR B 172 -11.49 10.42 11.78
N LYS B 173 -11.77 9.64 12.81
CA LYS B 173 -13.04 8.91 12.86
C LYS B 173 -13.95 9.37 13.99
N ASP B 174 -15.25 9.21 13.79
CA ASP B 174 -16.26 9.60 14.78
C ASP B 174 -16.41 8.61 15.94
N ARG B 175 -16.28 7.32 15.64
CA ARG B 175 -16.44 6.30 16.67
C ARG B 175 -15.30 5.29 16.65
N VAL B 176 -14.65 5.12 17.80
CA VAL B 176 -13.55 4.16 17.94
C VAL B 176 -13.71 3.35 19.22
N CYS B 177 -13.60 2.03 19.11
CA CYS B 177 -13.71 1.10 20.24
C CYS B 177 -15.01 1.27 21.00
N SER B 178 -16.12 1.34 20.26
CA SER B 178 -17.45 1.41 20.83
C SER B 178 -17.62 2.68 21.64
N THR B 179 -16.78 3.67 21.37
CA THR B 179 -16.83 4.93 22.09
C THR B 179 -16.96 6.08 21.11
N SER B 180 -17.90 6.98 21.37
CA SER B 180 -18.00 8.18 20.58
C SER B 180 -17.01 9.17 21.17
N LEU B 181 -16.08 9.64 20.35
CA LEU B 181 -15.11 10.60 20.83
C LEU B 181 -15.51 11.99 20.34
N TRP B 182 -15.31 12.97 21.22
CA TRP B 182 -15.74 14.34 21.00
C TRP B 182 -15.13 14.96 19.74
N LYS B 183 -15.94 15.72 19.02
CA LYS B 183 -15.53 16.31 17.75
C LYS B 183 -14.40 17.31 17.96
N MET B 184 -13.46 17.33 17.01
CA MET B 184 -12.30 18.20 17.14
C MET B 184 -12.35 19.21 16.01
N ARG B 185 -11.71 20.36 16.20
CA ARG B 185 -11.53 21.30 15.13
C ARG B 185 -10.61 20.64 14.11
N ARG B 186 -10.90 20.79 12.82
CA ARG B 186 -10.08 20.16 11.79
C ARG B 186 -8.66 20.71 11.86
N ARG B 187 -7.69 19.90 11.41
CA ARG B 187 -6.28 20.26 11.52
C ARG B 187 -5.93 21.53 10.76
N ASP B 188 -6.51 21.69 9.57
CA ASP B 188 -6.27 22.86 8.74
C ASP B 188 -6.77 24.12 9.42
N ILE B 189 -7.86 24.00 10.19
CA ILE B 189 -8.39 25.11 10.96
C ILE B 189 -7.35 25.54 12.00
N LEU B 190 -6.77 24.56 12.69
CA LEU B 190 -5.74 24.82 13.68
C LEU B 190 -4.54 25.49 13.03
N GLU B 191 -4.21 25.06 11.81
CA GLU B 191 -3.10 25.63 11.06
C GLU B 191 -3.37 27.08 10.68
N ASP B 192 -4.60 27.37 10.26
CA ASP B 192 -5.03 28.73 9.94
C ASP B 192 -4.94 29.61 11.17
N LEU B 193 -5.29 29.03 12.32
CA LEU B 193 -5.21 29.74 13.60
C LEU B 193 -3.79 29.74 14.15
N ASP B 194 -2.87 29.16 13.38
CA ASP B 194 -1.44 29.16 13.68
C ASP B 194 -1.05 28.42 14.96
N LEU B 195 -1.99 27.67 15.53
CA LEU B 195 -1.66 26.79 16.64
C LEU B 195 -0.82 25.61 16.17
N LEU B 196 -1.06 25.19 14.94
CA LEU B 196 -0.36 24.03 14.37
C LEU B 196 0.32 24.35 13.05
N GLU B 197 1.55 23.86 12.90
CA GLU B 197 2.20 23.86 11.60
C GLU B 197 1.62 22.71 10.79
N PRO B 198 1.76 22.77 9.45
CA PRO B 198 1.30 21.62 8.66
C PRO B 198 2.09 20.38 9.06
N ARG B 199 1.45 19.21 9.02
CA ARG B 199 2.13 17.99 9.43
C ARG B 199 3.27 17.67 8.49
N VAL B 200 4.40 17.27 9.04
CA VAL B 200 5.55 16.88 8.22
C VAL B 200 5.69 15.36 8.25
N SER B 201 5.48 14.73 7.10
CA SER B 201 5.58 13.29 6.99
C SER B 201 7.03 12.84 7.04
N PRO B 202 7.29 11.67 7.65
CA PRO B 202 8.63 11.08 7.64
C PRO B 202 9.12 10.88 6.21
N LEU B 203 8.19 10.57 5.32
CA LEU B 203 8.48 10.43 3.90
C LEU B 203 8.79 11.77 3.27
N GLY B 204 8.17 12.82 3.79
CA GLY B 204 8.28 14.15 3.22
C GLY B 204 7.04 14.49 2.42
N SER B 205 7.13 15.53 1.58
CA SER B 205 6.00 15.93 0.76
C SER B 205 5.74 14.90 -0.33
N LEU B 206 4.54 14.95 -0.90
CA LEU B 206 4.19 14.08 -2.02
C LEU B 206 5.13 14.32 -3.20
N GLU B 207 5.51 15.58 -3.38
CA GLU B 207 6.43 15.98 -4.44
C GLU B 207 7.77 15.29 -4.23
N ASP B 208 8.22 15.28 -2.98
CA ASP B 208 9.48 14.64 -2.61
C ASP B 208 9.43 13.16 -2.92
N ILE B 209 8.30 12.53 -2.61
CA ILE B 209 8.12 11.11 -2.88
C ILE B 209 8.16 10.82 -4.38
N LEU B 210 7.53 11.70 -5.16
CA LEU B 210 7.53 11.54 -6.62
C LEU B 210 8.94 11.65 -7.18
N GLU B 211 9.68 12.64 -6.70
CA GLU B 211 11.06 12.85 -7.13
C GLU B 211 11.95 11.68 -6.75
N GLU B 212 11.78 11.19 -5.52
CA GLU B 212 12.55 10.07 -5.02
C GLU B 212 12.25 8.82 -5.83
N GLU B 213 10.98 8.64 -6.18
CA GLU B 213 10.56 7.49 -6.98
C GLU B 213 11.15 7.54 -8.40
N GLU B 214 11.10 8.71 -9.02
CA GLU B 214 11.65 8.85 -10.38
C GLU B 214 13.17 8.63 -10.35
N GLN B 215 13.83 9.13 -9.29
CA GLN B 215 15.27 8.92 -9.13
C GLN B 215 15.59 7.44 -8.94
N ALA B 216 14.78 6.76 -8.13
CA ALA B 216 14.96 5.34 -7.87
C ALA B 216 14.77 4.51 -9.13
N ALA B 217 13.79 4.90 -9.95
CA ALA B 217 13.52 4.19 -11.19
C ALA B 217 14.65 4.41 -12.19
N LYS B 218 15.09 5.66 -12.32
CA LYS B 218 16.17 6.00 -13.24
C LYS B 218 17.47 5.32 -12.86
N ASN B 219 17.78 5.32 -11.57
CA ASN B 219 19.00 4.67 -11.07
C ASN B 219 19.00 3.17 -11.32
N GLU B 220 17.90 2.52 -10.98
CA GLU B 220 17.78 1.08 -11.18
C GLU B 220 17.62 0.74 -12.65
N MET C 3 19.12 -11.50 -1.57
CA MET C 3 18.31 -12.09 -0.52
C MET C 3 17.42 -13.20 -1.03
N GLY C 4 16.40 -13.53 -0.24
CA GLY C 4 15.39 -14.50 -0.63
C GLY C 4 14.03 -14.03 -0.17
N THR C 5 12.98 -14.57 -0.78
CA THR C 5 11.62 -14.22 -0.41
C THR C 5 10.83 -15.44 0.05
N THR C 6 10.00 -15.25 1.07
CA THR C 6 9.11 -16.29 1.54
C THR C 6 7.68 -15.78 1.52
N ASP C 7 6.82 -16.46 0.77
CA ASP C 7 5.42 -16.09 0.67
C ASP C 7 4.61 -16.62 1.84
N ASP C 8 3.49 -15.97 2.12
CA ASP C 8 2.52 -16.43 3.10
C ASP C 8 3.10 -16.62 4.50
N VAL C 9 4.03 -15.77 4.91
CA VAL C 9 4.49 -15.81 6.29
C VAL C 9 3.45 -15.08 7.15
N ASP C 10 2.88 -14.03 6.56
CA ASP C 10 1.74 -13.33 7.16
C ASP C 10 0.76 -13.01 6.04
N PRO C 11 -0.09 -13.98 5.69
CA PRO C 11 -1.10 -13.91 4.63
C PRO C 11 -1.97 -12.67 4.69
N GLU C 12 -2.45 -12.36 5.88
CA GLU C 12 -3.36 -11.24 6.12
C GLU C 12 -2.70 -9.90 5.78
N ALA C 13 -1.50 -9.69 6.31
CA ALA C 13 -0.72 -8.48 6.05
C ALA C 13 -0.37 -8.36 4.57
N GLU C 14 0.06 -9.47 3.97
CA GLU C 14 0.43 -9.49 2.56
C GLU C 14 -0.75 -9.16 1.65
N TYR C 15 -1.91 -9.69 2.00
CA TYR C 15 -3.12 -9.39 1.25
C TYR C 15 -3.49 -7.92 1.42
N ALA C 16 -3.30 -7.38 2.62
CA ALA C 16 -3.64 -5.99 2.87
C ALA C 16 -2.75 -5.07 2.03
N ALA C 17 -1.45 -5.39 2.01
CA ALA C 17 -0.48 -4.63 1.24
C ALA C 17 -0.83 -4.67 -0.25
N TRP C 18 -1.14 -5.88 -0.73
CA TRP C 18 -1.56 -6.01 -2.13
C TRP C 18 -2.79 -5.17 -2.41
N LYS C 19 -3.72 -5.16 -1.46
CA LYS C 19 -4.95 -4.40 -1.60
C LYS C 19 -4.62 -2.91 -1.78
N LEU C 20 -3.66 -2.41 -1.00
CA LEU C 20 -3.22 -1.03 -1.17
C LEU C 20 -2.56 -0.77 -2.53
N ARG C 21 -1.75 -1.72 -2.99
CA ARG C 21 -1.12 -1.56 -4.30
C ARG C 21 -2.16 -1.48 -5.41
N GLU C 22 -3.12 -2.40 -5.37
CA GLU C 22 -4.20 -2.45 -6.35
C GLU C 22 -5.05 -1.18 -6.28
N LEU C 23 -5.31 -0.71 -5.07
CA LEU C 23 -6.02 0.56 -4.89
C LEU C 23 -5.25 1.70 -5.52
N ARG C 24 -3.92 1.65 -5.41
CA ARG C 24 -3.07 2.67 -6.00
C ARG C 24 -3.20 2.66 -7.52
N ARG C 25 -3.21 1.47 -8.10
CA ARG C 25 -3.42 1.33 -9.53
C ARG C 25 -4.79 1.85 -9.96
N LEU C 26 -5.81 1.55 -9.16
CA LEU C 26 -7.17 2.01 -9.43
C LEU C 26 -7.26 3.53 -9.41
N ARG C 27 -6.65 4.14 -8.40
CA ARG C 27 -6.60 5.59 -8.28
C ARG C 27 -5.87 6.21 -9.47
N ARG C 28 -4.81 5.53 -9.92
CA ARG C 28 -4.07 5.98 -11.09
C ARG C 28 -4.96 5.98 -12.33
N GLU C 29 -5.75 4.92 -12.47
CA GLU C 29 -6.67 4.79 -13.60
C GLU C 29 -7.75 5.88 -13.56
N ARG C 30 -8.29 6.12 -12.36
CA ARG C 30 -9.28 7.16 -12.16
C ARG C 30 -8.74 8.54 -12.52
N ASP C 31 -7.53 8.82 -12.05
CA ASP C 31 -6.84 10.06 -12.39
C ASP C 31 -6.70 10.22 -13.90
N ALA C 32 -6.32 9.14 -14.57
CA ALA C 32 -6.21 9.18 -16.02
C ALA C 32 -7.54 9.52 -16.68
N ILE C 33 -8.60 8.85 -16.24
CA ILE C 33 -9.95 9.10 -16.77
C ILE C 33 -10.35 10.56 -16.61
N GLU C 34 -10.17 11.09 -15.40
CA GLU C 34 -10.49 12.49 -15.13
C GLU C 34 -9.67 13.44 -16.00
N ALA C 35 -8.40 13.10 -16.22
CA ALA C 35 -7.53 13.90 -17.08
C ALA C 35 -8.07 13.92 -18.51
N ARG C 36 -8.50 12.76 -18.98
CA ARG C 36 -9.05 12.64 -20.31
C ARG C 36 -10.32 13.47 -20.44
N GLU C 37 -11.15 13.43 -19.41
CA GLU C 37 -12.39 14.20 -19.42
C GLU C 37 -12.09 15.70 -19.42
N ARG C 38 -11.03 16.10 -18.73
CA ARG C 38 -10.60 17.50 -18.80
C ARG C 38 -10.16 17.86 -20.22
N GLU C 39 -9.45 16.94 -20.88
CA GLU C 39 -9.05 17.16 -22.26
C GLU C 39 -10.24 17.35 -23.18
N LEU C 40 -11.24 16.48 -23.03
CA LEU C 40 -12.46 16.57 -23.82
C LEU C 40 -13.20 17.86 -23.54
N ALA C 41 -13.17 18.28 -22.28
CA ALA C 41 -13.81 19.53 -21.87
C ALA C 41 -13.17 20.73 -22.55
N GLU C 42 -11.83 20.75 -22.58
CA GLU C 42 -11.11 21.85 -23.23
C GLU C 42 -11.34 21.83 -24.73
N LEU C 43 -11.38 20.63 -25.30
CA LEU C 43 -11.67 20.45 -26.72
C LEU C 43 -13.02 21.10 -27.04
N GLU C 44 -14.04 20.67 -26.32
CA GLU C 44 -15.40 21.19 -26.46
C GLU C 44 -15.42 22.71 -26.29
N ARG C 45 -14.66 23.21 -25.33
CA ARG C 45 -14.57 24.63 -25.06
C ARG C 45 -14.05 25.39 -26.28
N ARG C 46 -13.00 24.84 -26.89
CA ARG C 46 -12.45 25.43 -28.10
C ARG C 46 -13.48 25.40 -29.23
N ARG C 47 -14.22 24.29 -29.31
CA ARG C 47 -15.21 24.10 -30.36
C ARG C 47 -16.32 25.14 -30.31
N ASN C 48 -16.64 25.63 -29.12
CA ASN C 48 -17.76 26.54 -28.93
C ASN C 48 -17.36 28.02 -28.95
N LEU C 49 -16.07 28.29 -29.07
CA LEU C 49 -15.60 29.67 -29.23
C LEU C 49 -16.05 30.22 -30.58
N THR C 50 -16.44 31.49 -30.60
CA THR C 50 -16.76 32.16 -31.86
C THR C 50 -15.48 32.38 -32.66
N GLU C 51 -15.63 32.83 -33.89
CA GLU C 51 -14.48 33.12 -34.75
C GLU C 51 -13.56 34.13 -34.08
N GLU C 52 -14.14 35.27 -33.68
CA GLU C 52 -13.36 36.32 -33.06
C GLU C 52 -12.79 35.92 -31.70
N GLU C 53 -13.55 35.12 -30.95
CA GLU C 53 -13.10 34.68 -29.64
C GLU C 53 -11.88 33.76 -29.77
N ARG C 54 -11.97 32.82 -30.71
CA ARG C 54 -10.85 31.92 -30.97
C ARG C 54 -9.65 32.70 -31.49
N ARG C 55 -9.90 33.68 -32.34
CA ARG C 55 -8.83 34.51 -32.87
C ARG C 55 -8.12 35.23 -31.72
N ALA C 56 -8.90 35.85 -30.85
CA ALA C 56 -8.36 36.58 -29.70
C ALA C 56 -7.57 35.66 -28.76
N GLU C 57 -8.11 34.47 -28.52
CA GLU C 57 -7.45 33.50 -27.65
C GLU C 57 -6.12 33.06 -28.23
N ASP C 58 -6.11 32.66 -29.50
CA ASP C 58 -4.91 32.17 -30.15
C ASP C 58 -3.86 33.27 -30.26
N GLU C 59 -4.31 34.49 -30.54
CA GLU C 59 -3.40 35.63 -30.60
C GLU C 59 -2.79 35.92 -29.23
N ALA C 60 -3.61 35.82 -28.19
CA ALA C 60 -3.14 36.03 -26.82
C ALA C 60 -2.10 35.00 -26.44
N HIS C 61 -2.39 33.74 -26.74
CA HIS C 61 -1.47 32.64 -26.46
C HIS C 61 -0.16 32.82 -27.21
N LEU C 62 -0.25 33.20 -28.48
CA LEU C 62 0.92 33.37 -29.32
C LEU C 62 1.80 34.52 -28.83
N ALA C 63 1.17 35.66 -28.54
CA ALA C 63 1.90 36.82 -28.04
C ALA C 63 2.49 36.55 -26.66
N LYS C 64 1.83 35.68 -25.90
CA LYS C 64 2.31 35.29 -24.59
C LYS C 64 3.54 34.41 -24.69
N GLN C 65 3.51 33.46 -25.63
CA GLN C 65 4.64 32.56 -25.83
C GLN C 65 5.81 33.33 -26.45
N LYS C 66 5.49 34.47 -27.08
CA LYS C 66 6.52 35.34 -27.63
C LYS C 66 7.28 36.05 -26.52
N GLY D 4 -3.07 -13.65 17.02
CA GLY D 4 -1.84 -13.00 17.40
C GLY D 4 -1.13 -12.31 16.24
N THR D 5 -0.19 -11.42 16.58
CA THR D 5 0.58 -10.70 15.55
C THR D 5 2.07 -10.72 15.86
N THR D 6 2.87 -10.99 14.84
CA THR D 6 4.33 -10.99 14.99
C THR D 6 4.97 -9.93 14.11
N ASP D 7 5.65 -8.98 14.74
CA ASP D 7 6.32 -7.89 14.03
C ASP D 7 7.69 -8.30 13.51
N ASP D 8 8.20 -7.54 12.56
CA ASP D 8 9.52 -7.77 11.96
C ASP D 8 9.67 -9.18 11.41
N VAL D 9 8.60 -9.70 10.84
CA VAL D 9 8.65 -10.99 10.15
C VAL D 9 9.32 -10.78 8.79
N ASP D 10 8.78 -9.85 8.02
CA ASP D 10 9.42 -9.40 6.79
C ASP D 10 9.49 -7.88 6.82
N PRO D 11 10.53 -7.35 7.47
CA PRO D 11 10.73 -5.91 7.69
C PRO D 11 10.64 -5.09 6.41
N GLU D 12 11.14 -5.65 5.32
CA GLU D 12 11.08 -5.01 4.01
C GLU D 12 9.63 -4.83 3.56
N ALA D 13 8.90 -5.94 3.54
CA ALA D 13 7.49 -5.95 3.18
C ALA D 13 6.68 -5.02 4.07
N GLU D 14 6.92 -5.09 5.38
CA GLU D 14 6.15 -4.32 6.35
C GLU D 14 6.40 -2.83 6.21
N TYR D 15 7.67 -2.48 5.97
CA TYR D 15 8.02 -1.09 5.75
C TYR D 15 7.36 -0.59 4.48
N ALA D 16 7.41 -1.39 3.41
CA ALA D 16 6.78 -1.00 2.14
C ALA D 16 5.29 -0.74 2.32
N ALA D 17 4.62 -1.69 2.98
CA ALA D 17 3.20 -1.57 3.26
C ALA D 17 2.90 -0.28 4.02
N TRP D 18 3.68 -0.02 5.07
CA TRP D 18 3.52 1.20 5.83
C TRP D 18 3.69 2.43 4.94
N LYS D 19 4.66 2.36 4.03
CA LYS D 19 4.93 3.46 3.11
C LYS D 19 3.69 3.74 2.28
N LEU D 20 3.02 2.68 1.84
CA LEU D 20 1.79 2.83 1.09
C LEU D 20 0.67 3.43 1.94
N ARG D 21 0.60 3.05 3.21
CA ARG D 21 -0.42 3.59 4.10
C ARG D 21 -0.24 5.10 4.31
N GLU D 22 1.00 5.49 4.58
CA GLU D 22 1.34 6.89 4.82
C GLU D 22 1.12 7.71 3.55
N LEU D 23 1.52 7.15 2.42
CA LEU D 23 1.28 7.77 1.13
C LEU D 23 -0.22 7.99 0.93
N ARG D 24 -1.01 7.02 1.35
CA ARG D 24 -2.46 7.11 1.22
C ARG D 24 -3.00 8.27 2.07
N ARG D 25 -2.49 8.39 3.29
CA ARG D 25 -2.86 9.50 4.17
C ARG D 25 -2.52 10.85 3.54
N LEU D 26 -1.30 10.96 3.02
CA LEU D 26 -0.86 12.18 2.34
C LEU D 26 -1.77 12.53 1.17
N ARG D 27 -2.13 11.52 0.39
CA ARG D 27 -3.01 11.73 -0.76
C ARG D 27 -4.38 12.20 -0.32
N ARG D 28 -4.86 11.66 0.79
CA ARG D 28 -6.14 12.07 1.36
C ARG D 28 -6.12 13.54 1.75
N GLU D 29 -5.06 13.94 2.45
CA GLU D 29 -4.88 15.34 2.84
C GLU D 29 -4.85 16.26 1.62
N ARG D 30 -4.06 15.88 0.62
CA ARG D 30 -3.94 16.64 -0.62
C ARG D 30 -5.29 16.81 -1.29
N ASP D 31 -6.05 15.71 -1.36
CA ASP D 31 -7.38 15.73 -1.93
C ASP D 31 -8.29 16.71 -1.20
N ALA D 32 -8.22 16.71 0.12
CA ALA D 32 -9.02 17.63 0.92
C ALA D 32 -8.69 19.09 0.60
N ILE D 33 -7.39 19.41 0.65
CA ILE D 33 -6.92 20.75 0.34
C ILE D 33 -7.39 21.22 -1.04
N GLU D 34 -7.13 20.40 -2.05
CA GLU D 34 -7.55 20.71 -3.42
C GLU D 34 -9.06 20.92 -3.48
N ALA D 35 -9.81 20.11 -2.75
CA ALA D 35 -11.26 20.25 -2.70
C ALA D 35 -11.67 21.63 -2.19
N ARG D 36 -11.02 22.07 -1.11
CA ARG D 36 -11.28 23.40 -0.58
C ARG D 36 -10.96 24.49 -1.62
N GLU D 37 -9.82 24.33 -2.28
CA GLU D 37 -9.43 25.25 -3.36
C GLU D 37 -10.52 25.35 -4.43
N ARG D 38 -10.99 24.21 -4.90
CA ARG D 38 -12.06 24.15 -5.89
C ARG D 38 -13.32 24.85 -5.40
N GLU D 39 -13.69 24.60 -4.15
CA GLU D 39 -14.87 25.23 -3.58
C GLU D 39 -14.78 26.75 -3.60
N LEU D 40 -13.69 27.28 -3.07
CA LEU D 40 -13.51 28.73 -3.01
C LEU D 40 -13.45 29.36 -4.40
N ALA D 41 -12.71 28.72 -5.31
CA ALA D 41 -12.57 29.21 -6.67
C ALA D 41 -13.93 29.26 -7.37
N GLU D 42 -14.74 28.21 -7.17
CA GLU D 42 -16.07 28.14 -7.75
C GLU D 42 -16.95 29.24 -7.18
N LEU D 43 -16.84 29.48 -5.87
CA LEU D 43 -17.56 30.57 -5.22
C LEU D 43 -17.19 31.91 -5.83
N GLU D 44 -15.92 32.06 -6.21
CA GLU D 44 -15.47 33.28 -6.87
C GLU D 44 -16.05 33.38 -8.28
N ARG D 45 -16.16 32.24 -8.96
CA ARG D 45 -16.72 32.21 -10.30
C ARG D 45 -18.22 32.53 -10.31
N ARG D 46 -18.91 32.20 -9.22
CA ARG D 46 -20.36 32.39 -9.18
C ARG D 46 -20.76 33.72 -8.53
N ARG D 47 -19.77 34.56 -8.24
CA ARG D 47 -20.04 35.88 -7.69
C ARG D 47 -19.04 36.92 -8.19
#